data_4M7O
#
_entry.id   4M7O
#
_cell.length_a   154.052
_cell.length_b   48.173
_cell.length_c   44.916
_cell.angle_alpha   90.00
_cell.angle_beta   102.74
_cell.angle_gamma   90.00
#
_symmetry.space_group_name_H-M   'C 1 2 1'
#
loop_
_entity.id
_entity.type
_entity.pdbx_description
1 polymer 'Iron-binding protein'
2 water water
#
_entity_poly.entity_id   1
_entity_poly.type   'polypeptide(L)'
_entity_poly.pdbx_seq_one_letter_code
;SNAQDANHSSNNKDTEKSDKKYHRIISLIPSNTEILYRLGIGEDIVGVSTVDDYPKDVKKGKKQFDA(MSE)NLNKEELI
KAKPDLILAHESQKNSAGKVLKSLKDKGVKVVYVKDAQSIDETYDTFKSIGQLTDREKQAKELVDETKHNVDKIINSVPK
HHKKQEVF(MSE)EVSSKPDIYTAGKDTFFND(MSE)LEKLDAKNSFDDVKGWKSVSKESIIKRNPDILISTEGKSKSDY
IE(MSE)IKKRGGFDKINAVKNTRIETVDGDEVSRPGPRIDEGLKDLRDDIYKK
;
_entity_poly.pdbx_strand_id   A
#
# COMPACT_ATOMS: atom_id res chain seq x y z
N LYS A 20 5.81 -18.24 -20.16
CA LYS A 20 5.39 -18.64 -21.51
C LYS A 20 4.98 -17.46 -22.39
N LYS A 21 4.15 -16.54 -21.88
CA LYS A 21 3.72 -15.40 -22.69
C LYS A 21 4.77 -14.30 -22.78
N TYR A 22 5.21 -13.77 -21.64
CA TYR A 22 6.32 -12.82 -21.63
C TYR A 22 7.54 -13.49 -21.00
N HIS A 23 8.73 -13.23 -21.54
CA HIS A 23 9.94 -13.94 -21.10
C HIS A 23 10.92 -13.02 -20.41
N ARG A 24 10.78 -11.72 -20.63
CA ARG A 24 11.72 -10.76 -20.11
C ARG A 24 10.98 -9.56 -19.51
N ILE A 25 10.50 -9.75 -18.30
CA ILE A 25 9.67 -8.75 -17.65
C ILE A 25 10.52 -7.82 -16.79
N ILE A 26 10.24 -6.52 -16.87
CA ILE A 26 10.82 -5.57 -15.92
C ILE A 26 9.70 -5.08 -15.01
N SER A 27 9.87 -5.28 -13.70
CA SER A 27 8.86 -4.84 -12.72
C SER A 27 9.38 -3.64 -11.94
N LEU A 28 8.59 -2.56 -11.93
CA LEU A 28 9.06 -1.27 -11.42
C LEU A 28 8.51 -0.82 -10.07
N ILE A 29 7.72 -1.67 -9.41
CA ILE A 29 7.23 -1.34 -8.08
C ILE A 29 7.12 -2.64 -7.29
N PRO A 30 7.45 -2.61 -5.98
CA PRO A 30 7.53 -3.90 -5.29
C PRO A 30 6.22 -4.71 -5.30
N SER A 31 5.04 -4.08 -5.18
CA SER A 31 3.80 -4.88 -5.22
C SER A 31 3.68 -5.70 -6.51
N ASN A 32 4.00 -5.08 -7.65
CA ASN A 32 4.06 -5.80 -8.92
C ASN A 32 4.99 -7.00 -8.86
N THR A 33 6.18 -6.80 -8.32
CA THR A 33 7.15 -7.88 -8.25
C THR A 33 6.62 -9.02 -7.39
N GLU A 34 5.99 -8.69 -6.26
CA GLU A 34 5.49 -9.72 -5.35
C GLU A 34 4.42 -10.57 -6.04
N ILE A 35 3.54 -9.90 -6.79
CA ILE A 35 2.44 -10.56 -7.47
C ILE A 35 2.97 -11.49 -8.57
N LEU A 36 3.93 -10.99 -9.35
CA LEU A 36 4.54 -11.79 -10.42
C LEU A 36 5.14 -13.09 -9.88
N TYR A 37 5.82 -13.00 -8.74
CA TYR A 37 6.41 -14.18 -8.12
C TYR A 37 5.32 -15.13 -7.67
N ARG A 38 4.22 -14.59 -7.11
CA ARG A 38 3.14 -15.45 -6.61
C ARG A 38 2.36 -16.10 -7.78
N LEU A 39 2.52 -15.55 -8.97
CA LEU A 39 1.89 -16.13 -10.17
C LEU A 39 2.77 -17.22 -10.78
N GLY A 40 3.98 -17.39 -10.24
CA GLY A 40 4.86 -18.46 -10.67
C GLY A 40 5.81 -18.03 -11.78
N ILE A 41 5.86 -16.74 -12.06
CA ILE A 41 6.71 -16.26 -13.15
C ILE A 41 7.85 -15.34 -12.70
N GLY A 42 8.30 -15.52 -11.46
CA GLY A 42 9.45 -14.77 -10.98
C GLY A 42 10.70 -15.00 -11.81
N GLU A 43 10.81 -16.22 -12.35
CA GLU A 43 11.96 -16.56 -13.20
C GLU A 43 11.91 -15.91 -14.57
N ASP A 44 10.86 -15.13 -14.84
CA ASP A 44 10.77 -14.46 -16.13
C ASP A 44 11.07 -12.98 -16.02
N ILE A 45 11.48 -12.57 -14.82
CA ILE A 45 11.74 -11.17 -14.49
C ILE A 45 13.22 -10.89 -14.67
N VAL A 46 13.56 -9.90 -15.49
CA VAL A 46 14.97 -9.57 -15.74
C VAL A 46 15.43 -8.33 -14.98
N GLY A 47 14.46 -7.54 -14.53
CA GLY A 47 14.73 -6.30 -13.83
C GLY A 47 13.68 -5.98 -12.78
N VAL A 48 14.13 -5.37 -11.68
CA VAL A 48 13.21 -4.91 -10.64
C VAL A 48 13.64 -3.51 -10.28
N SER A 49 12.96 -2.89 -9.32
CA SER A 49 13.35 -1.55 -8.92
C SER A 49 14.38 -1.62 -7.80
N THR A 50 15.03 -0.51 -7.55
CA THR A 50 16.07 -0.44 -6.54
C THR A 50 15.52 -0.59 -5.13
N VAL A 51 14.20 -0.51 -4.99
CA VAL A 51 13.58 -0.66 -3.67
C VAL A 51 12.80 -1.97 -3.50
N ASP A 52 12.93 -2.89 -4.43
CA ASP A 52 12.31 -4.22 -4.24
C ASP A 52 12.98 -5.00 -3.11
N ASP A 53 12.16 -5.55 -2.21
CA ASP A 53 12.63 -6.13 -0.94
C ASP A 53 12.02 -7.49 -0.66
N TYR A 54 11.23 -7.99 -1.59
CA TYR A 54 10.51 -9.23 -1.37
C TYR A 54 10.25 -9.92 -2.70
N PRO A 55 10.46 -11.23 -2.76
CA PRO A 55 10.90 -12.07 -1.63
C PRO A 55 12.39 -11.97 -1.36
N LYS A 56 12.90 -12.86 -0.52
CA LYS A 56 14.30 -12.88 -0.16
C LYS A 56 15.14 -12.96 -1.42
N ASP A 57 16.15 -12.10 -1.52
CA ASP A 57 17.10 -12.15 -2.63
C ASP A 57 16.45 -11.85 -3.98
N VAL A 58 15.32 -11.13 -4.00
CA VAL A 58 14.66 -10.83 -5.27
C VAL A 58 15.57 -10.08 -6.26
N LYS A 59 16.49 -9.27 -5.72
CA LYS A 59 17.33 -8.43 -6.55
C LYS A 59 18.49 -9.17 -7.22
N LYS A 60 18.89 -10.30 -6.65
CA LYS A 60 20.02 -11.06 -7.17
C LYS A 60 19.72 -11.69 -8.53
N GLY A 61 20.65 -11.54 -9.47
CA GLY A 61 20.45 -12.06 -10.80
C GLY A 61 19.43 -11.25 -11.59
N LYS A 62 19.24 -9.99 -11.22
CA LYS A 62 18.35 -9.07 -11.94
C LYS A 62 18.99 -7.69 -12.15
N LYS A 63 18.55 -6.97 -13.18
CA LYS A 63 18.88 -5.56 -13.33
C LYS A 63 18.04 -4.74 -12.32
N GLN A 64 18.64 -3.71 -11.75
CA GLN A 64 17.95 -2.81 -10.84
C GLN A 64 17.73 -1.45 -11.46
N PHE A 65 16.50 -0.96 -11.38
CA PHE A 65 16.17 0.34 -11.96
C PHE A 65 15.67 1.29 -10.89
N ASP A 66 16.11 2.54 -10.99
CA ASP A 66 15.58 3.58 -10.12
C ASP A 66 14.35 4.14 -10.80
N ALA A 67 13.17 3.82 -10.28
CA ALA A 67 11.91 4.23 -10.91
C ALA A 67 11.76 5.75 -10.96
N ASN A 69 14.41 7.79 -11.37
CA ASN A 69 15.48 8.30 -12.21
C ASN A 69 15.87 7.25 -13.26
N LEU A 70 14.90 6.85 -14.09
CA LEU A 70 15.07 5.70 -14.97
C LEU A 70 16.11 5.91 -16.05
N ASN A 71 17.05 4.97 -16.16
CA ASN A 71 18.05 4.97 -17.23
C ASN A 71 17.46 4.33 -18.49
N LYS A 72 17.04 5.15 -19.45
CA LYS A 72 16.41 4.69 -20.69
C LYS A 72 17.28 3.71 -21.51
N GLU A 73 18.56 4.02 -21.64
CA GLU A 73 19.43 3.14 -22.42
C GLU A 73 19.58 1.77 -21.75
N GLU A 74 19.59 1.76 -20.42
CA GLU A 74 19.79 0.53 -19.68
C GLU A 74 18.53 -0.32 -19.76
N LEU A 75 17.38 0.35 -19.89
CA LEU A 75 16.10 -0.33 -20.05
C LEU A 75 16.04 -1.02 -21.41
N ILE A 76 16.45 -0.31 -22.46
CA ILE A 76 16.49 -0.86 -23.82
C ILE A 76 17.46 -2.04 -23.87
N LYS A 77 18.59 -1.87 -23.20
CA LYS A 77 19.67 -2.84 -23.21
C LYS A 77 19.22 -4.15 -22.58
N ALA A 78 18.28 -4.06 -21.64
CA ALA A 78 17.77 -5.24 -20.94
C ALA A 78 16.83 -6.04 -21.83
N LYS A 79 16.45 -5.43 -22.95
CA LYS A 79 15.58 -6.04 -23.94
C LYS A 79 14.30 -6.68 -23.39
N PRO A 80 13.49 -5.92 -22.62
CA PRO A 80 12.28 -6.47 -22.03
C PRO A 80 11.16 -6.60 -23.06
N ASP A 81 10.26 -7.56 -22.85
CA ASP A 81 9.04 -7.65 -23.65
C ASP A 81 7.84 -7.14 -22.85
N LEU A 82 8.03 -6.95 -21.54
CA LEU A 82 6.99 -6.35 -20.71
C LEU A 82 7.61 -5.49 -19.61
N ILE A 83 7.14 -4.25 -19.49
CA ILE A 83 7.51 -3.44 -18.34
C ILE A 83 6.25 -3.18 -17.52
N LEU A 84 6.23 -3.76 -16.33
CA LEU A 84 5.04 -3.72 -15.52
C LEU A 84 5.22 -2.64 -14.46
N ALA A 85 4.60 -1.49 -14.70
CA ALA A 85 4.73 -0.34 -13.81
C ALA A 85 3.42 -0.11 -13.05
N HIS A 86 3.33 1.04 -12.38
CA HIS A 86 2.19 1.33 -11.51
C HIS A 86 1.59 2.67 -11.88
N GLU A 87 0.28 2.82 -11.70
CA GLU A 87 -0.40 4.09 -11.99
C GLU A 87 0.28 5.24 -11.26
N SER A 88 0.76 5.01 -10.05
CA SER A 88 1.39 6.08 -9.27
C SER A 88 2.66 6.65 -9.91
N GLN A 89 3.16 5.97 -10.94
CA GLN A 89 4.42 6.33 -11.60
C GLN A 89 4.26 6.96 -12.96
N LYS A 90 3.03 7.10 -13.43
CA LYS A 90 2.81 7.72 -14.75
C LYS A 90 3.50 9.07 -14.91
N ASN A 91 3.48 9.89 -13.86
CA ASN A 91 4.01 11.25 -13.94
C ASN A 91 5.53 11.40 -13.76
N SER A 92 6.19 10.33 -13.31
CA SER A 92 7.64 10.37 -13.17
C SER A 92 8.31 9.38 -14.12
N ALA A 93 8.00 8.10 -13.96
CA ALA A 93 8.50 7.08 -14.88
C ALA A 93 7.93 7.23 -16.30
N GLY A 94 6.72 7.77 -16.41
CA GLY A 94 6.06 7.90 -17.71
C GLY A 94 6.90 8.60 -18.74
N LYS A 95 7.64 9.62 -18.29
CA LYS A 95 8.46 10.45 -19.15
C LYS A 95 9.48 9.60 -19.92
N VAL A 96 9.98 8.57 -19.27
CA VAL A 96 10.99 7.71 -19.87
C VAL A 96 10.37 6.49 -20.56
N LEU A 97 9.35 5.90 -19.93
CA LEU A 97 8.73 4.70 -20.49
C LEU A 97 8.07 4.95 -21.85
N LYS A 98 7.62 6.18 -22.11
CA LYS A 98 7.01 6.51 -23.39
C LYS A 98 7.93 6.15 -24.54
N SER A 99 9.23 6.32 -24.33
CA SER A 99 10.24 5.92 -25.31
C SER A 99 10.22 4.42 -25.56
N LEU A 100 10.20 3.63 -24.48
CA LEU A 100 10.21 2.18 -24.60
C LEU A 100 8.97 1.69 -25.37
N LYS A 101 7.81 2.21 -25.00
CA LYS A 101 6.57 1.93 -25.71
C LYS A 101 6.67 2.22 -27.21
N ASP A 102 7.31 3.33 -27.58
CA ASP A 102 7.47 3.68 -29.00
C ASP A 102 8.31 2.64 -29.74
N LYS A 103 9.22 1.98 -29.02
CA LYS A 103 10.04 0.93 -29.61
C LYS A 103 9.30 -0.40 -29.62
N GLY A 104 8.06 -0.41 -29.13
CA GLY A 104 7.24 -1.61 -29.16
C GLY A 104 7.31 -2.51 -27.94
N VAL A 105 7.90 -2.02 -26.86
CA VAL A 105 7.86 -2.78 -25.62
C VAL A 105 6.49 -2.57 -25.00
N LYS A 106 5.86 -3.63 -24.53
CA LYS A 106 4.55 -3.55 -23.89
C LYS A 106 4.73 -2.88 -22.51
N VAL A 107 4.10 -1.73 -22.32
CA VAL A 107 4.24 -1.00 -21.07
C VAL A 107 2.89 -0.88 -20.36
N VAL A 108 2.80 -1.41 -19.16
CA VAL A 108 1.54 -1.43 -18.43
C VAL A 108 1.62 -0.75 -17.07
N TYR A 109 0.65 0.12 -16.79
CA TYR A 109 0.54 0.78 -15.50
C TYR A 109 -0.57 0.16 -14.66
N VAL A 110 -0.20 -0.69 -13.71
CA VAL A 110 -1.19 -1.33 -12.86
C VAL A 110 -1.91 -0.28 -12.01
N LYS A 111 -3.23 -0.32 -11.99
CA LYS A 111 -4.00 0.71 -11.29
C LYS A 111 -3.60 0.79 -9.81
N ASP A 112 -3.65 2.00 -9.26
CA ASP A 112 -3.35 2.24 -7.86
C ASP A 112 -4.52 1.79 -6.98
N ALA A 113 -4.39 0.62 -6.35
CA ALA A 113 -5.50 0.08 -5.54
C ALA A 113 -5.66 0.86 -4.23
N GLN A 114 -6.88 1.33 -3.96
CA GLN A 114 -7.15 2.04 -2.71
C GLN A 114 -8.15 1.29 -1.82
N SER A 115 -8.25 -0.03 -2.02
CA SER A 115 -9.05 -0.90 -1.16
C SER A 115 -8.55 -2.34 -1.29
N ILE A 116 -9.06 -3.23 -0.44
CA ILE A 116 -8.68 -4.62 -0.51
C ILE A 116 -9.22 -5.25 -1.80
N ASP A 117 -10.48 -4.97 -2.12
CA ASP A 117 -11.09 -5.51 -3.32
C ASP A 117 -10.39 -5.04 -4.62
N GLU A 118 -9.87 -3.82 -4.60
CA GLU A 118 -9.19 -3.28 -5.78
C GLU A 118 -7.84 -3.95 -5.91
N THR A 119 -7.26 -4.35 -4.78
CA THR A 119 -6.01 -5.09 -4.79
C THR A 119 -6.22 -6.43 -5.49
N TYR A 120 -7.31 -7.11 -5.13
CA TYR A 120 -7.68 -8.37 -5.77
C TYR A 120 -7.86 -8.13 -7.26
N ASP A 121 -8.47 -6.99 -7.60
CA ASP A 121 -8.62 -6.61 -9.01
C ASP A 121 -7.29 -6.65 -9.73
N THR A 122 -6.24 -6.08 -9.16
CA THR A 122 -4.96 -6.05 -9.87
C THR A 122 -4.35 -7.44 -9.99
N PHE A 123 -4.64 -8.32 -9.03
CA PHE A 123 -4.15 -9.68 -9.11
C PHE A 123 -4.69 -10.29 -10.40
N LYS A 124 -5.99 -10.17 -10.60
CA LYS A 124 -6.65 -10.70 -11.79
C LYS A 124 -6.17 -10.03 -13.07
N SER A 125 -5.96 -8.73 -13.03
CA SER A 125 -5.52 -7.98 -14.22
C SER A 125 -4.17 -8.47 -14.68
N ILE A 126 -3.25 -8.62 -13.72
CA ILE A 126 -1.90 -9.06 -14.04
C ILE A 126 -1.93 -10.53 -14.47
N GLY A 127 -2.83 -11.31 -13.87
CA GLY A 127 -3.02 -12.68 -14.27
C GLY A 127 -3.45 -12.80 -15.72
N GLN A 128 -4.39 -11.94 -16.13
CA GLN A 128 -4.89 -12.02 -17.49
C GLN A 128 -3.87 -11.49 -18.49
N LEU A 129 -3.09 -10.50 -18.06
CA LEU A 129 -2.06 -9.90 -18.90
C LEU A 129 -0.97 -10.92 -19.25
N THR A 130 -0.57 -11.71 -18.26
CA THR A 130 0.54 -12.66 -18.40
C THR A 130 0.09 -14.08 -18.63
N ASP A 131 -1.18 -14.28 -18.96
CA ASP A 131 -1.72 -15.61 -19.20
C ASP A 131 -1.44 -16.54 -18.00
N ARG A 132 -1.67 -16.02 -16.80
CA ARG A 132 -1.54 -16.83 -15.59
C ARG A 132 -2.82 -16.71 -14.79
N GLU A 133 -3.95 -16.84 -15.49
CA GLU A 133 -5.27 -16.60 -14.91
C GLU A 133 -5.60 -17.57 -13.78
N LYS A 134 -5.28 -18.84 -13.99
CA LYS A 134 -5.47 -19.87 -12.97
C LYS A 134 -4.72 -19.52 -11.68
N GLN A 135 -3.48 -19.08 -11.82
CA GLN A 135 -2.65 -18.71 -10.69
C GLN A 135 -3.17 -17.46 -9.99
N ALA A 136 -3.75 -16.53 -10.75
CA ALA A 136 -4.23 -15.29 -10.17
C ALA A 136 -5.47 -15.57 -9.31
N LYS A 137 -6.30 -16.50 -9.77
CA LYS A 137 -7.49 -16.89 -9.04
C LYS A 137 -7.08 -17.54 -7.73
N GLU A 138 -6.10 -18.43 -7.79
CA GLU A 138 -5.60 -19.07 -6.59
C GLU A 138 -5.00 -18.03 -5.65
N LEU A 139 -4.29 -17.05 -6.21
CA LEU A 139 -3.70 -15.98 -5.42
C LEU A 139 -4.76 -15.12 -4.74
N VAL A 140 -5.86 -14.86 -5.45
CA VAL A 140 -6.93 -14.05 -4.89
C VAL A 140 -7.59 -14.82 -3.75
N ASP A 141 -7.89 -16.10 -4.01
CA ASP A 141 -8.55 -16.94 -3.03
C ASP A 141 -7.75 -17.13 -1.74
N GLU A 142 -6.44 -17.31 -1.87
CA GLU A 142 -5.60 -17.53 -0.70
C GLU A 142 -5.46 -16.25 0.09
N THR A 143 -5.39 -15.13 -0.63
CA THR A 143 -5.28 -13.84 0.01
C THR A 143 -6.57 -13.48 0.76
N LYS A 144 -7.72 -13.79 0.15
CA LYS A 144 -9.00 -13.59 0.83
C LYS A 144 -9.02 -14.40 2.12
N HIS A 145 -8.54 -15.64 2.05
CA HIS A 145 -8.54 -16.51 3.22
C HIS A 145 -7.76 -15.88 4.37
N ASN A 146 -6.57 -15.35 4.09
CA ASN A 146 -5.76 -14.75 5.12
C ASN A 146 -6.37 -13.47 5.67
N VAL A 147 -6.96 -12.67 4.78
CA VAL A 147 -7.61 -11.43 5.17
C VAL A 147 -8.81 -11.75 6.05
N ASP A 148 -9.65 -12.68 5.60
CA ASP A 148 -10.85 -13.06 6.36
C ASP A 148 -10.51 -13.59 7.74
N LYS A 149 -9.35 -14.22 7.86
CA LYS A 149 -8.86 -14.68 9.16
C LYS A 149 -8.62 -13.50 10.11
N ILE A 150 -7.96 -12.44 9.63
CA ILE A 150 -7.74 -11.25 10.45
C ILE A 150 -9.05 -10.54 10.81
N ILE A 151 -9.91 -10.34 9.80
CA ILE A 151 -11.24 -9.77 10.02
C ILE A 151 -12.00 -10.57 11.07
N ASN A 152 -11.93 -11.89 10.98
CA ASN A 152 -12.61 -12.73 11.95
C ASN A 152 -11.95 -12.77 13.33
N SER A 153 -10.73 -12.25 13.44
CA SER A 153 -10.05 -12.25 14.73
C SER A 153 -10.45 -11.03 15.55
N VAL A 154 -11.34 -10.21 15.03
CA VAL A 154 -11.81 -9.03 15.74
C VAL A 154 -12.84 -9.46 16.76
N PRO A 155 -12.64 -9.10 18.01
CA PRO A 155 -13.56 -9.55 19.07
C PRO A 155 -15.04 -9.20 18.81
N LYS A 156 -15.91 -10.21 18.89
CA LYS A 156 -17.33 -10.07 18.56
C LYS A 156 -18.01 -8.90 19.26
N HIS A 157 -17.75 -8.78 20.56
CA HIS A 157 -18.17 -7.61 21.31
C HIS A 157 -16.98 -6.70 21.50
N HIS A 158 -17.13 -5.43 21.10
CA HIS A 158 -16.11 -4.42 21.33
C HIS A 158 -16.74 -3.04 21.33
N LYS A 159 -16.12 -2.08 22.01
CA LYS A 159 -16.63 -0.72 22.02
C LYS A 159 -16.38 -0.07 20.67
N LYS A 160 -17.43 0.52 20.10
CA LYS A 160 -17.32 1.24 18.83
C LYS A 160 -16.24 2.32 18.88
N GLN A 161 -15.11 2.07 18.23
CA GLN A 161 -13.95 2.94 18.35
C GLN A 161 -13.67 3.81 17.13
N GLU A 162 -13.42 5.10 17.38
CA GLU A 162 -13.13 6.06 16.31
C GLU A 162 -11.63 6.35 16.15
N VAL A 163 -11.13 6.16 14.94
CA VAL A 163 -9.70 6.20 14.68
C VAL A 163 -9.34 7.37 13.79
N PHE A 164 -8.33 8.13 14.19
CA PHE A 164 -7.81 9.22 13.38
C PHE A 164 -6.54 8.74 12.70
N GLU A 166 -3.38 9.79 10.76
CA GLU A 166 -2.58 10.96 10.44
C GLU A 166 -1.60 10.60 9.33
N VAL A 167 -1.83 11.10 8.11
CA VAL A 167 -0.98 10.66 6.99
C VAL A 167 0.09 11.67 6.60
N SER A 168 0.04 12.85 7.20
CA SER A 168 1.11 13.82 7.04
C SER A 168 0.95 14.80 8.19
N SER A 169 2.03 15.48 8.57
CA SER A 169 1.95 16.30 9.78
C SER A 169 2.60 17.67 9.68
N LYS A 170 3.47 17.86 8.69
CA LYS A 170 4.22 19.10 8.65
C LYS A 170 4.26 19.70 7.25
N PRO A 171 3.95 21.00 7.14
CA PRO A 171 3.47 21.89 8.21
C PRO A 171 1.98 21.76 8.52
N ASP A 172 1.22 21.11 7.65
CA ASP A 172 -0.21 20.91 7.93
C ASP A 172 -0.48 19.44 8.18
N ILE A 173 -1.43 19.16 9.05
CA ILE A 173 -1.79 17.77 9.35
C ILE A 173 -2.78 17.28 8.31
N TYR A 174 -2.56 16.08 7.80
CA TYR A 174 -3.48 15.50 6.84
C TYR A 174 -4.03 14.20 7.35
N THR A 175 -5.29 13.94 7.06
CA THR A 175 -5.89 12.68 7.43
C THR A 175 -6.32 11.96 6.18
N ALA A 176 -6.74 10.71 6.35
CA ALA A 176 -7.27 9.91 5.26
C ALA A 176 -8.75 9.66 5.51
N GLY A 177 -9.60 10.12 4.60
CA GLY A 177 -11.04 9.90 4.73
C GLY A 177 -11.47 8.73 3.88
N LYS A 178 -12.69 8.80 3.36
CA LYS A 178 -13.21 7.74 2.50
C LYS A 178 -12.43 7.66 1.18
N ASP A 179 -12.63 6.56 0.46
CA ASP A 179 -11.93 6.29 -0.79
C ASP A 179 -10.42 6.17 -0.59
N THR A 180 -9.99 5.75 0.59
CA THR A 180 -8.57 5.51 0.81
C THR A 180 -8.35 4.11 1.31
N PHE A 181 -7.13 3.60 1.13
CA PHE A 181 -6.78 2.27 1.55
C PHE A 181 -6.90 2.16 3.06
N PHE A 182 -6.39 3.16 3.76
CA PHE A 182 -6.50 3.13 5.23
C PHE A 182 -7.95 3.12 5.67
N ASN A 183 -8.84 3.77 4.93
CA ASN A 183 -10.24 3.79 5.34
C ASN A 183 -10.90 2.44 5.13
N ASP A 184 -10.56 1.77 4.02
CA ASP A 184 -11.16 0.47 3.75
C ASP A 184 -10.71 -0.53 4.80
N LEU A 186 -9.89 0.10 7.98
CA LEU A 186 -10.72 0.41 9.13
C LEU A 186 -12.11 -0.22 9.03
N GLU A 187 -12.75 -0.08 7.87
CA GLU A 187 -14.11 -0.57 7.72
C GLU A 187 -14.15 -2.09 7.80
N LYS A 188 -13.14 -2.75 7.26
CA LYS A 188 -13.04 -4.21 7.33
C LYS A 188 -12.83 -4.67 8.77
N LEU A 189 -12.17 -3.83 9.56
CA LEU A 189 -11.88 -4.16 10.95
C LEU A 189 -12.99 -3.69 11.88
N ASP A 190 -14.10 -3.25 11.29
CA ASP A 190 -15.27 -2.75 12.03
C ASP A 190 -14.90 -1.61 13.00
N ALA A 191 -14.04 -0.72 12.55
CA ALA A 191 -13.74 0.51 13.29
C ALA A 191 -14.30 1.69 12.50
N LYS A 192 -14.43 2.84 13.15
CA LYS A 192 -14.95 4.05 12.49
C LYS A 192 -13.81 5.03 12.19
N ASN A 193 -13.86 5.67 11.03
CA ASN A 193 -12.88 6.69 10.67
C ASN A 193 -13.36 8.02 11.21
N SER A 194 -12.57 8.69 12.05
CA SER A 194 -12.96 9.99 12.61
C SER A 194 -13.38 10.97 11.53
N PHE A 195 -12.82 10.80 10.33
CA PHE A 195 -13.11 11.70 9.22
C PHE A 195 -13.72 10.96 8.03
N ASP A 196 -14.78 10.20 8.29
CA ASP A 196 -15.47 9.49 7.23
C ASP A 196 -16.29 10.45 6.38
N ASP A 197 -16.40 11.70 6.83
CA ASP A 197 -17.11 12.74 6.10
C ASP A 197 -16.30 13.40 4.99
N VAL A 198 -15.00 13.11 4.92
CA VAL A 198 -14.16 13.65 3.84
C VAL A 198 -13.68 12.54 2.91
N LYS A 199 -13.20 12.91 1.73
CA LYS A 199 -12.73 11.94 0.73
C LYS A 199 -11.26 12.15 0.36
N GLY A 200 -10.53 11.04 0.22
CA GLY A 200 -9.11 11.10 -0.10
C GLY A 200 -8.30 11.66 1.05
N TRP A 201 -7.17 12.27 0.72
CA TRP A 201 -6.28 12.87 1.72
C TRP A 201 -6.61 14.35 1.82
N LYS A 202 -6.95 14.82 3.02
CA LYS A 202 -7.30 16.22 3.21
C LYS A 202 -6.59 16.81 4.42
N SER A 203 -6.17 18.06 4.33
CA SER A 203 -5.68 18.74 5.54
C SER A 203 -6.83 19.02 6.52
N VAL A 204 -6.55 18.88 7.81
CA VAL A 204 -7.52 19.18 8.86
C VAL A 204 -6.83 20.01 9.92
N SER A 205 -7.57 20.92 10.55
CA SER A 205 -6.98 21.76 11.57
C SER A 205 -6.88 21.01 12.90
N LYS A 206 -6.04 21.51 13.81
CA LYS A 206 -5.91 20.90 15.12
C LYS A 206 -7.24 21.02 15.84
N GLU A 207 -7.92 22.15 15.68
CA GLU A 207 -9.21 22.38 16.35
C GLU A 207 -10.19 21.31 15.93
N SER A 208 -10.18 21.01 14.63
CA SER A 208 -11.07 20.03 14.02
C SER A 208 -10.86 18.62 14.58
N ILE A 209 -9.60 18.19 14.69
CA ILE A 209 -9.29 16.89 15.27
C ILE A 209 -9.74 16.82 16.73
N ILE A 210 -9.46 17.87 17.51
CA ILE A 210 -9.83 17.90 18.93
C ILE A 210 -11.34 17.75 19.08
N LYS A 211 -12.09 18.44 18.23
CA LYS A 211 -13.55 18.36 18.29
C LYS A 211 -14.08 16.96 17.95
N ARG A 212 -13.45 16.30 16.98
CA ARG A 212 -13.86 14.95 16.59
C ARG A 212 -13.56 13.95 17.70
N ASN A 213 -12.61 14.30 18.56
CA ASN A 213 -12.26 13.50 19.73
C ASN A 213 -12.07 11.99 19.46
N PRO A 214 -11.08 11.63 18.62
CA PRO A 214 -10.84 10.22 18.31
C PRO A 214 -10.38 9.42 19.54
N ASP A 215 -10.63 8.11 19.52
CA ASP A 215 -10.23 7.25 20.62
C ASP A 215 -8.83 6.71 20.39
N ILE A 216 -8.37 6.77 19.15
CA ILE A 216 -7.06 6.24 18.80
C ILE A 216 -6.45 7.15 17.73
N LEU A 217 -5.17 7.48 17.88
CA LEU A 217 -4.42 8.21 16.83
C LEU A 217 -3.42 7.25 16.21
N ILE A 218 -3.40 7.20 14.88
CA ILE A 218 -2.39 6.38 14.21
C ILE A 218 -1.71 7.21 13.14
N SER A 219 -0.41 7.44 13.31
CA SER A 219 0.38 8.09 12.27
C SER A 219 0.91 7.08 11.27
N THR A 220 0.80 7.39 9.97
CA THR A 220 1.22 6.43 8.97
C THR A 220 2.52 6.84 8.29
N GLU A 221 3.29 7.69 8.95
CA GLU A 221 4.47 8.26 8.32
C GLU A 221 5.73 7.46 8.59
N GLY A 222 5.60 6.38 9.37
CA GLY A 222 6.73 5.49 9.63
C GLY A 222 7.71 6.06 10.63
N LYS A 223 7.23 6.94 11.51
CA LYS A 223 8.05 7.51 12.57
C LYS A 223 8.07 6.51 13.71
N SER A 224 9.06 6.63 14.58
CA SER A 224 9.09 5.81 15.79
C SER A 224 7.92 6.22 16.66
N LYS A 225 7.43 5.30 17.49
CA LYS A 225 6.29 5.60 18.33
C LYS A 225 6.60 6.75 19.27
N SER A 226 7.79 6.74 19.87
CA SER A 226 8.16 7.79 20.82
C SER A 226 8.18 9.18 20.17
N ASP A 227 8.55 9.23 18.89
CA ASP A 227 8.61 10.50 18.16
C ASP A 227 7.23 11.09 17.91
N TYR A 228 6.28 10.23 17.52
CA TYR A 228 4.92 10.69 17.28
C TYR A 228 4.29 11.10 18.60
N ILE A 229 4.61 10.35 19.66
CA ILE A 229 4.13 10.69 21.00
C ILE A 229 4.63 12.06 21.42
N GLU A 230 5.89 12.38 21.11
CA GLU A 230 6.43 13.70 21.49
C GLU A 230 5.79 14.83 20.68
N ILE A 232 2.72 14.82 19.51
CA ILE A 232 1.37 14.97 20.07
C ILE A 232 1.39 15.80 21.33
N LYS A 233 2.40 15.56 22.17
CA LYS A 233 2.52 16.31 23.43
C LYS A 233 2.78 17.79 23.17
N LYS A 234 3.37 18.12 22.03
CA LYS A 234 3.64 19.52 21.74
C LYS A 234 2.48 20.23 21.04
N ARG A 235 1.46 19.45 20.65
CA ARG A 235 0.25 20.01 20.06
C ARG A 235 -0.69 20.55 21.12
N GLY A 236 -0.99 21.84 21.02
CA GLY A 236 -1.89 22.49 21.96
C GLY A 236 -3.26 21.88 21.89
N GLY A 237 -3.88 21.66 23.05
CA GLY A 237 -5.24 21.19 23.11
C GLY A 237 -5.42 19.69 22.96
N PHE A 238 -4.40 18.99 22.48
CA PHE A 238 -4.53 17.56 22.24
C PHE A 238 -4.66 16.80 23.56
N ASP A 239 -4.18 17.43 24.64
CA ASP A 239 -4.30 16.89 26.00
C ASP A 239 -5.68 16.32 26.30
N LYS A 240 -6.70 16.99 25.77
CA LYS A 240 -8.09 16.63 26.04
C LYS A 240 -8.51 15.29 25.43
N ILE A 241 -8.14 15.09 24.17
CA ILE A 241 -8.60 13.97 23.32
C ILE A 241 -8.60 12.58 23.99
N ASN A 242 -9.68 11.81 23.77
CA ASN A 242 -9.84 10.43 24.27
C ASN A 242 -8.51 9.67 24.10
N ALA A 243 -8.03 9.61 22.86
CA ALA A 243 -6.80 8.88 22.50
C ALA A 243 -5.57 9.26 23.33
N VAL A 244 -5.37 10.55 23.56
CA VAL A 244 -4.20 10.98 24.32
C VAL A 244 -4.34 10.60 25.80
N LYS A 245 -5.54 10.76 26.36
CA LYS A 245 -5.81 10.41 27.76
C LYS A 245 -5.65 8.91 28.04
N ASN A 246 -6.02 8.09 27.06
CA ASN A 246 -5.95 6.64 27.19
C ASN A 246 -4.69 6.05 26.58
N THR A 247 -3.78 6.92 26.13
CA THR A 247 -2.50 6.50 25.56
C THR A 247 -2.71 5.50 24.42
N ARG A 248 -3.56 5.86 23.48
CA ARG A 248 -3.78 5.05 22.30
C ARG A 248 -3.18 5.82 21.13
N ILE A 249 -1.86 5.99 21.18
CA ILE A 249 -1.10 6.72 20.18
C ILE A 249 -0.15 5.73 19.53
N GLU A 250 -0.35 5.44 18.24
CA GLU A 250 0.45 4.41 17.56
C GLU A 250 1.02 4.92 16.25
N THR A 251 2.03 4.23 15.73
CA THR A 251 2.59 4.58 14.43
C THR A 251 2.68 3.37 13.56
N VAL A 252 2.55 3.58 12.27
CA VAL A 252 2.67 2.49 11.32
C VAL A 252 3.41 3.05 10.10
N ASP A 253 4.06 2.19 9.32
CA ASP A 253 4.65 2.61 8.05
C ASP A 253 3.59 2.42 6.98
N GLY A 254 2.94 3.52 6.60
CA GLY A 254 1.74 3.47 5.77
C GLY A 254 1.98 2.81 4.44
N ASP A 255 3.14 3.09 3.85
CA ASP A 255 3.50 2.50 2.57
C ASP A 255 3.70 0.98 2.68
N GLU A 256 4.23 0.52 3.81
CA GLU A 256 4.33 -0.92 4.02
C GLU A 256 2.96 -1.57 4.26
N VAL A 257 2.22 -1.10 5.24
CA VAL A 257 0.95 -1.77 5.55
C VAL A 257 -0.07 -1.71 4.42
N SER A 258 -0.03 -0.66 3.61
CA SER A 258 -1.01 -0.52 2.54
C SER A 258 -0.44 -0.98 1.20
N ARG A 259 0.67 -1.70 1.21
CA ARG A 259 1.24 -2.17 -0.06
C ARG A 259 0.24 -3.11 -0.73
N PRO A 260 -0.21 -2.75 -1.94
CA PRO A 260 -1.27 -3.54 -2.59
C PRO A 260 -0.75 -4.86 -3.17
N GLY A 261 -0.16 -5.72 -2.33
CA GLY A 261 0.34 -7.00 -2.79
C GLY A 261 -0.27 -8.18 -2.05
N PRO A 262 0.31 -9.37 -2.24
CA PRO A 262 -0.21 -10.60 -1.65
C PRO A 262 -0.10 -10.64 -0.12
N ARG A 263 0.66 -9.73 0.49
CA ARG A 263 0.81 -9.76 1.94
C ARG A 263 -0.02 -8.69 2.67
N ILE A 264 -1.10 -8.22 2.04
CA ILE A 264 -1.99 -7.24 2.67
C ILE A 264 -2.57 -7.70 4.01
N ASP A 265 -2.69 -9.01 4.19
CA ASP A 265 -3.25 -9.51 5.45
C ASP A 265 -2.35 -9.12 6.61
N GLU A 266 -1.04 -9.11 6.37
CA GLU A 266 -0.09 -8.74 7.40
C GLU A 266 -0.26 -7.26 7.76
N GLY A 267 -0.43 -6.40 6.76
CA GLY A 267 -0.70 -5.00 7.00
C GLY A 267 -2.00 -4.80 7.77
N LEU A 268 -3.05 -5.50 7.34
CA LEU A 268 -4.33 -5.43 8.05
C LEU A 268 -4.19 -5.89 9.48
N LYS A 269 -3.36 -6.91 9.71
CA LYS A 269 -3.14 -7.42 11.06
C LYS A 269 -2.46 -6.41 11.96
N ASP A 270 -1.52 -5.66 11.40
CA ASP A 270 -0.82 -4.62 12.15
C ASP A 270 -1.81 -3.60 12.66
N LEU A 271 -2.64 -3.12 11.75
CA LEU A 271 -3.68 -2.15 12.07
C LEU A 271 -4.65 -2.69 13.12
N ARG A 272 -4.98 -3.98 13.01
CA ARG A 272 -5.86 -4.62 13.97
C ARG A 272 -5.29 -4.59 15.39
N ASP A 273 -4.01 -4.89 15.51
CA ASP A 273 -3.36 -4.96 16.82
C ASP A 273 -3.12 -3.58 17.43
N ASP A 274 -3.29 -2.51 16.64
CA ASP A 274 -3.21 -1.14 17.16
C ASP A 274 -4.58 -0.65 17.64
N ILE A 275 -5.63 -1.24 17.09
CA ILE A 275 -6.99 -0.85 17.39
C ILE A 275 -7.53 -1.71 18.53
N TYR A 276 -7.15 -2.98 18.53
CA TYR A 276 -7.61 -3.92 19.54
C TYR A 276 -6.42 -4.46 20.32
N LYS A 277 -6.09 -3.81 21.43
CA LYS A 277 -4.99 -4.22 22.30
C LYS A 277 -5.39 -5.38 23.21
#